data_9H6W
#
_entry.id   9H6W
#
_cell.length_a   170.772
_cell.length_b   170.772
_cell.length_c   94.800
_cell.angle_alpha   90.00
_cell.angle_beta   90.00
_cell.angle_gamma   120.00
#
_symmetry.space_group_name_H-M   'P 6 2 2'
#
loop_
_entity.id
_entity.type
_entity.pdbx_description
1 polymer 'E3 ubiquitin-protein ligase SspH1'
2 non-polymer 'L(+)-TARTARIC ACID'
3 water water
#
_entity_poly.entity_id   1
_entity_poly.type   'polypeptide(L)'
_entity_poly.pdbx_seq_one_letter_code
;AEYDAVWSKWERDAPAGESPGRAAVVQEMRDCLNNGNPVLNVGASGLTTLPDRLPPHITTLVIPDNNLTSLPELPEGLRE
LEVSGNLQLTSLPSLPQGLQKLWAYNNWLASLPTLPPGLGDLAVSNNQLTSLPEMPPALRELRVSGNNLTSLPALPSGLQ
KLWAYNNRLTSLPEMSPGLQELDVSHNQLTRLPQSLTGLSSAARVYLDGNPLSVRTLQALRDIIGHSGIRIHFDMAGPSV
PREARALHLAVADWLTSAREGEAAQADRWQAFGLEDNAAAFSLVLDRLRETENFKKDAGFKAQISSWLTQLAEDAALRAK
TFAMATEATSTCEDRVTHALHQMNNVQLVHNAEKGEYDNNLQGLVSTGREMFRLATLEQIAREKAGTLALVDDVEVYLAF
QNKLKESLELTSVTSEMRFFDVSGVTVSDLQAAELQVKTAENSGFSKWILQWGPLHSVLERKVPERFNALREKQISDYED
TYRKLYDEVLKSSGLVDDTDAERTIGVSAMDSAKKEFLDGLRALVDEVLGSYLTARWRLN
;
_entity_poly.pdbx_strand_id   A
#
loop_
_chem_comp.id
_chem_comp.type
_chem_comp.name
_chem_comp.formula
TLA non-polymer 'L(+)-TARTARIC ACID' 'C4 H6 O6'
#
# COMPACT_ATOMS: atom_id res chain seq x y z
N ALA A 1 17.93 -53.10 8.77
CA ALA A 1 18.99 -52.46 9.54
C ALA A 1 18.42 -51.65 10.70
N GLU A 2 19.05 -50.52 11.00
CA GLU A 2 18.57 -49.67 12.08
C GLU A 2 17.18 -49.12 11.80
N TYR A 3 16.87 -48.85 10.52
CA TYR A 3 15.55 -48.31 10.18
C TYR A 3 14.45 -49.30 10.51
N ASP A 4 14.71 -50.61 10.38
CA ASP A 4 13.71 -51.60 10.71
C ASP A 4 13.33 -51.54 12.19
N ALA A 5 14.33 -51.33 13.06
CA ALA A 5 14.04 -51.23 14.48
C ALA A 5 13.14 -50.04 14.79
N VAL A 6 13.40 -48.91 14.15
CA VAL A 6 12.56 -47.72 14.36
C VAL A 6 11.12 -48.01 13.96
N TRP A 7 10.94 -48.65 12.80
CA TRP A 7 9.60 -48.96 12.33
C TRP A 7 8.91 -49.96 13.24
N SER A 8 9.68 -50.86 13.86
CA SER A 8 9.09 -51.87 14.73
C SER A 8 8.46 -51.22 15.97
N LYS A 9 9.17 -50.31 16.63
CA LYS A 9 8.61 -49.65 17.79
C LYS A 9 7.45 -48.74 17.41
N TRP A 10 7.52 -48.12 16.22
CA TRP A 10 6.44 -47.26 15.77
C TRP A 10 5.13 -48.03 15.66
N GLU A 11 5.17 -49.21 15.06
CA GLU A 11 3.98 -50.05 14.99
C GLU A 11 3.55 -50.52 16.38
N ARG A 12 4.52 -50.88 17.23
CA ARG A 12 4.19 -51.37 18.56
C ARG A 12 3.61 -50.25 19.43
N ASP A 13 4.12 -49.04 19.28
CA ASP A 13 3.60 -47.89 20.03
C ASP A 13 2.29 -47.37 19.45
N ALA A 14 1.82 -47.93 18.35
CA ALA A 14 0.59 -47.45 17.72
C ALA A 14 -0.58 -47.62 18.67
N PRO A 15 -1.44 -46.61 18.80
CA PRO A 15 -2.63 -46.76 19.65
C PRO A 15 -3.54 -47.86 19.13
N ALA A 16 -4.46 -48.31 19.99
CA ALA A 16 -5.36 -49.39 19.64
C ALA A 16 -6.14 -49.05 18.37
N GLY A 17 -6.16 -50.00 17.43
CA GLY A 17 -6.83 -49.80 16.16
C GLY A 17 -5.94 -49.24 15.06
N GLU A 18 -4.79 -48.68 15.40
CA GLU A 18 -3.88 -48.15 14.39
C GLU A 18 -2.83 -49.16 13.96
N SER A 19 -2.44 -50.09 14.84
CA SER A 19 -1.41 -51.06 14.50
C SER A 19 -1.68 -51.80 13.20
N PRO A 20 -2.91 -52.27 12.92
CA PRO A 20 -3.15 -52.89 11.61
C PRO A 20 -2.74 -52.00 10.44
N GLY A 21 -3.20 -50.76 10.43
CA GLY A 21 -2.78 -49.83 9.39
C GLY A 21 -1.31 -49.49 9.49
N ARG A 22 -0.81 -49.27 10.71
CA ARG A 22 0.60 -48.94 10.89
C ARG A 22 1.49 -50.08 10.39
N ALA A 23 1.12 -51.32 10.69
CA ALA A 23 1.91 -52.46 10.23
C ALA A 23 1.94 -52.55 8.71
N ALA A 24 0.80 -52.27 8.07
CA ALA A 24 0.75 -52.35 6.61
C ALA A 24 1.73 -51.39 5.96
N VAL A 25 1.84 -50.18 6.51
CA VAL A 25 2.76 -49.20 5.94
C VAL A 25 4.20 -49.70 6.04
N VAL A 26 4.53 -50.37 7.14
CA VAL A 26 5.90 -50.84 7.33
C VAL A 26 6.33 -51.75 6.18
N GLN A 27 5.42 -52.61 5.72
CA GLN A 27 5.74 -53.50 4.61
C GLN A 27 6.12 -52.70 3.37
N GLU A 28 5.38 -51.63 3.08
CA GLU A 28 5.72 -50.80 1.94
C GLU A 28 7.07 -50.11 2.16
N MET A 29 7.31 -49.61 3.37
CA MET A 29 8.61 -49.00 3.67
C MET A 29 9.72 -50.04 3.57
N ARG A 30 9.49 -51.25 4.06
CA ARG A 30 10.49 -52.30 3.91
C ARG A 30 10.71 -52.66 2.45
N ASP A 31 9.63 -52.66 1.65
CA ASP A 31 9.78 -52.90 0.23
C ASP A 31 10.69 -51.86 -0.41
N CYS A 32 10.50 -50.59 -0.06
CA CYS A 32 11.37 -49.54 -0.59
C CYS A 32 12.83 -49.78 -0.18
N LEU A 33 13.05 -50.12 1.09
CA LEU A 33 14.42 -50.25 1.59
C LEU A 33 15.13 -51.43 0.94
N ASN A 34 14.41 -52.52 0.68
CA ASN A 34 15.04 -53.71 0.13
C ASN A 34 15.26 -53.61 -1.37
N ASN A 35 14.17 -53.44 -2.13
CA ASN A 35 14.24 -53.40 -3.58
C ASN A 35 14.33 -51.97 -4.13
N GLY A 36 14.50 -50.98 -3.27
CA GLY A 36 14.67 -49.61 -3.71
C GLY A 36 13.46 -49.03 -4.41
N ASN A 37 12.28 -49.20 -3.84
CA ASN A 37 11.07 -48.62 -4.41
C ASN A 37 11.12 -47.10 -4.24
N PRO A 38 11.06 -46.32 -5.31
CA PRO A 38 11.19 -44.86 -5.18
C PRO A 38 9.94 -44.17 -4.66
N VAL A 39 8.81 -44.85 -4.57
CA VAL A 39 7.54 -44.25 -4.17
C VAL A 39 7.07 -44.93 -2.89
N LEU A 40 6.74 -44.13 -1.88
CA LEU A 40 6.21 -44.61 -0.62
C LEU A 40 4.89 -43.91 -0.35
N ASN A 41 3.78 -44.65 -0.51
CA ASN A 41 2.44 -44.11 -0.32
C ASN A 41 1.85 -44.73 0.94
N VAL A 42 1.82 -43.94 2.02
CA VAL A 42 1.20 -44.39 3.26
C VAL A 42 -0.30 -44.46 3.08
N GLY A 43 -0.90 -45.58 3.45
CA GLY A 43 -2.32 -45.75 3.28
C GLY A 43 -3.13 -44.87 4.20
N ALA A 44 -4.41 -44.70 3.86
CA ALA A 44 -5.34 -43.91 4.67
C ALA A 44 -5.80 -44.72 5.88
N SER A 45 -4.82 -45.07 6.72
CA SER A 45 -5.06 -45.89 7.90
C SER A 45 -5.48 -45.08 9.12
N GLY A 46 -5.64 -43.76 8.97
CA GLY A 46 -5.96 -42.94 10.11
C GLY A 46 -4.84 -42.82 11.12
N LEU A 47 -3.60 -43.06 10.70
CA LEU A 47 -2.47 -42.99 11.61
C LEU A 47 -2.25 -41.56 12.07
N THR A 48 -2.04 -41.39 13.37
CA THR A 48 -1.81 -40.08 13.95
C THR A 48 -0.33 -39.78 14.18
N THR A 49 0.54 -40.80 14.14
CA THR A 49 1.97 -40.61 14.30
C THR A 49 2.69 -41.26 13.13
N LEU A 50 3.71 -40.58 12.63
CA LEU A 50 4.51 -41.15 11.55
C LEU A 50 5.91 -41.50 12.07
N PRO A 51 6.55 -42.53 11.54
CA PRO A 51 7.86 -42.94 12.06
C PRO A 51 8.87 -41.80 11.93
N ASP A 52 9.74 -41.69 12.94
CA ASP A 52 10.74 -40.64 12.93
C ASP A 52 11.69 -40.76 11.75
N ARG A 53 11.90 -41.98 11.24
CA ARG A 53 12.78 -42.20 10.11
C ARG A 53 12.04 -42.94 9.01
N LEU A 54 12.47 -42.73 7.77
CA LEU A 54 11.85 -43.36 6.61
C LEU A 54 12.93 -43.71 5.58
N PRO A 55 12.59 -44.48 4.56
CA PRO A 55 13.59 -44.83 3.53
C PRO A 55 14.20 -43.59 2.91
N PRO A 56 15.52 -43.43 3.01
CA PRO A 56 16.15 -42.20 2.48
C PRO A 56 16.10 -42.10 0.97
N HIS A 57 16.04 -43.23 0.26
CA HIS A 57 16.16 -43.20 -1.20
C HIS A 57 14.88 -42.69 -1.87
N ILE A 58 13.72 -42.89 -1.24
CA ILE A 58 12.46 -42.59 -1.91
C ILE A 58 12.44 -41.15 -2.39
N THR A 59 12.10 -40.97 -3.67
CA THR A 59 11.95 -39.64 -4.26
C THR A 59 10.51 -39.17 -4.28
N THR A 60 9.56 -40.00 -3.83
CA THR A 60 8.15 -39.65 -3.82
C THR A 60 7.50 -40.17 -2.55
N LEU A 61 6.78 -39.30 -1.85
CA LEU A 61 6.08 -39.66 -0.63
C LEU A 61 4.65 -39.12 -0.70
N VAL A 62 3.68 -39.97 -0.39
CA VAL A 62 2.28 -39.61 -0.43
C VAL A 62 1.63 -40.01 0.89
N ILE A 63 0.95 -39.06 1.52
CA ILE A 63 0.33 -39.29 2.83
C ILE A 63 -1.11 -38.78 2.81
N PRO A 64 -2.07 -39.55 2.31
CA PRO A 64 -3.45 -39.07 2.24
C PRO A 64 -4.31 -39.47 3.42
N ASP A 65 -5.23 -38.59 3.77
CA ASP A 65 -6.32 -38.85 4.71
C ASP A 65 -5.84 -39.63 5.95
N ASN A 66 -4.94 -38.99 6.70
CA ASN A 66 -4.50 -39.51 7.98
C ASN A 66 -4.59 -38.41 9.03
N ASN A 67 -4.85 -38.81 10.27
CA ASN A 67 -4.99 -37.86 11.36
C ASN A 67 -3.62 -37.47 11.89
N LEU A 68 -2.73 -37.01 10.99
CA LEU A 68 -1.38 -36.65 11.38
C LEU A 68 -1.33 -35.24 11.93
N THR A 69 -0.50 -35.04 12.95
CA THR A 69 -0.25 -33.73 13.53
C THR A 69 1.12 -33.19 13.21
N SER A 70 2.04 -34.02 12.70
CA SER A 70 3.36 -33.57 12.30
C SER A 70 3.95 -34.60 11.35
N LEU A 71 5.02 -34.21 10.66
CA LEU A 71 5.66 -35.10 9.72
C LEU A 71 7.13 -35.33 10.10
N PRO A 72 7.66 -36.51 9.85
CA PRO A 72 9.08 -36.76 10.11
C PRO A 72 9.95 -35.99 9.14
N GLU A 73 11.20 -35.77 9.54
CA GLU A 73 12.14 -35.06 8.67
C GLU A 73 12.26 -35.81 7.35
N LEU A 74 12.02 -35.10 6.25
CA LEU A 74 11.94 -35.74 4.95
C LEU A 74 13.32 -36.14 4.44
N PRO A 75 13.40 -37.23 3.69
CA PRO A 75 14.68 -37.61 3.08
C PRO A 75 15.12 -36.60 2.03
N GLU A 76 16.44 -36.50 1.84
CA GLU A 76 16.97 -35.54 0.87
C GLU A 76 16.55 -35.87 -0.55
N GLY A 77 16.28 -37.15 -0.84
CA GLY A 77 15.97 -37.56 -2.19
C GLY A 77 14.58 -37.26 -2.68
N LEU A 78 13.70 -36.77 -1.80
CA LEU A 78 12.33 -36.51 -2.20
C LEU A 78 12.27 -35.44 -3.30
N ARG A 79 11.48 -35.72 -4.33
CA ARG A 79 11.14 -34.74 -5.35
C ARG A 79 9.64 -34.50 -5.46
N GLU A 80 8.82 -35.30 -4.78
CA GLU A 80 7.36 -35.18 -4.85
C GLU A 80 6.79 -35.52 -3.48
N LEU A 81 6.25 -34.51 -2.80
CA LEU A 81 5.60 -34.69 -1.51
C LEU A 81 4.11 -34.36 -1.67
N GLU A 82 3.26 -35.30 -1.28
CA GLU A 82 1.81 -35.13 -1.38
C GLU A 82 1.18 -35.51 -0.05
N VAL A 83 0.69 -34.51 0.67
CA VAL A 83 0.01 -34.71 1.95
C VAL A 83 -1.38 -34.10 1.83
N SER A 84 -2.40 -34.93 2.05
CA SER A 84 -3.79 -34.49 1.94
C SER A 84 -4.62 -35.23 2.97
N GLY A 85 -5.72 -34.60 3.37
CA GLY A 85 -6.63 -35.18 4.34
C GLY A 85 -6.15 -35.10 5.78
N ASN A 86 -4.94 -34.61 6.03
CA ASN A 86 -4.42 -34.46 7.39
C ASN A 86 -4.88 -33.11 7.94
N LEU A 87 -6.14 -33.08 8.36
CA LEU A 87 -6.74 -31.82 8.80
C LEU A 87 -6.08 -31.27 10.06
N GLN A 88 -5.35 -32.10 10.80
CA GLN A 88 -4.66 -31.65 12.00
C GLN A 88 -3.21 -31.23 11.74
N LEU A 89 -2.74 -31.32 10.49
CA LEU A 89 -1.37 -30.95 10.15
C LEU A 89 -1.30 -29.44 9.95
N THR A 90 -0.58 -28.76 10.83
CA THR A 90 -0.49 -27.30 10.81
C THR A 90 0.87 -26.79 10.37
N SER A 91 1.81 -27.66 10.02
CA SER A 91 3.12 -27.23 9.58
C SER A 91 3.81 -28.39 8.88
N LEU A 92 4.70 -28.04 7.94
CA LEU A 92 5.48 -29.05 7.24
C LEU A 92 6.95 -28.97 7.63
N PRO A 93 7.65 -30.10 7.64
CA PRO A 93 9.08 -30.08 8.00
C PRO A 93 9.93 -29.40 6.95
N SER A 94 11.24 -29.32 7.20
CA SER A 94 12.14 -28.68 6.24
C SER A 94 12.04 -29.36 4.88
N LEU A 95 11.88 -28.57 3.85
CA LEU A 95 11.71 -29.10 2.49
C LEU A 95 13.08 -29.45 1.90
N PRO A 96 13.25 -30.67 1.39
CA PRO A 96 14.53 -31.02 0.76
C PRO A 96 14.79 -30.16 -0.46
N GLN A 97 16.09 -29.95 -0.73
CA GLN A 97 16.48 -29.08 -1.84
C GLN A 97 16.01 -29.65 -3.17
N GLY A 98 16.07 -30.97 -3.35
CA GLY A 98 15.67 -31.60 -4.58
C GLY A 98 14.19 -31.78 -4.79
N LEU A 99 13.37 -31.37 -3.82
CA LEU A 99 11.92 -31.48 -3.97
C LEU A 99 11.45 -30.68 -5.17
N GLN A 100 10.62 -31.31 -6.00
CA GLN A 100 10.10 -30.67 -7.21
C GLN A 100 8.60 -30.43 -7.17
N LYS A 101 7.83 -31.30 -6.53
CA LYS A 101 6.39 -31.15 -6.42
C LYS A 101 6.00 -31.23 -4.95
N LEU A 102 5.30 -30.20 -4.47
CA LEU A 102 4.79 -30.15 -3.11
C LEU A 102 3.28 -29.96 -3.16
N TRP A 103 2.55 -31.01 -2.78
CA TRP A 103 1.09 -30.99 -2.75
C TRP A 103 0.63 -31.18 -1.31
N ALA A 104 0.17 -30.09 -0.70
CA ALA A 104 -0.38 -30.11 0.66
C ALA A 104 -1.72 -29.39 0.62
N TYR A 105 -2.79 -30.16 0.45
CA TYR A 105 -4.13 -29.60 0.32
C TYR A 105 -5.07 -30.32 1.28
N ASN A 106 -6.18 -29.65 1.60
CA ASN A 106 -7.16 -30.15 2.57
C ASN A 106 -6.48 -30.43 3.91
N ASN A 107 -5.54 -29.57 4.28
CA ASN A 107 -4.83 -29.64 5.55
C ASN A 107 -5.15 -28.37 6.35
N TRP A 108 -4.45 -28.19 7.46
CA TRP A 108 -4.61 -27.00 8.29
C TRP A 108 -3.29 -26.27 8.48
N LEU A 109 -2.45 -26.28 7.44
CA LEU A 109 -1.16 -25.61 7.52
C LEU A 109 -1.35 -24.12 7.78
N ALA A 110 -0.59 -23.59 8.74
CA ALA A 110 -0.56 -22.17 9.01
C ALA A 110 0.74 -21.51 8.60
N SER A 111 1.78 -22.28 8.31
CA SER A 111 3.06 -21.75 7.88
C SER A 111 3.68 -22.71 6.86
N LEU A 112 4.53 -22.17 6.00
CA LEU A 112 5.14 -22.93 4.93
C LEU A 112 6.66 -22.84 5.04
N PRO A 113 7.39 -23.95 4.96
CA PRO A 113 8.84 -23.90 5.07
C PRO A 113 9.47 -23.21 3.86
N THR A 114 10.75 -22.88 4.00
CA THR A 114 11.48 -22.26 2.91
C THR A 114 11.42 -23.16 1.67
N LEU A 115 11.00 -22.58 0.56
CA LEU A 115 10.78 -23.35 -0.66
C LEU A 115 12.11 -23.69 -1.32
N PRO A 116 12.35 -24.94 -1.69
CA PRO A 116 13.60 -25.28 -2.35
C PRO A 116 13.71 -24.57 -3.68
N PRO A 117 14.93 -24.27 -4.14
CA PRO A 117 15.06 -23.53 -5.40
C PRO A 117 14.53 -24.28 -6.60
N GLY A 118 14.42 -25.60 -6.54
CA GLY A 118 13.95 -26.39 -7.65
C GLY A 118 12.46 -26.66 -7.71
N LEU A 119 11.70 -26.22 -6.70
CA LEU A 119 10.28 -26.48 -6.70
C LEU A 119 9.61 -25.84 -7.90
N GLY A 120 8.74 -26.60 -8.57
CA GLY A 120 8.07 -26.11 -9.76
C GLY A 120 6.55 -26.15 -9.65
N ASP A 121 6.03 -27.01 -8.78
CA ASP A 121 4.59 -27.16 -8.59
C ASP A 121 4.30 -27.11 -7.10
N LEU A 122 3.57 -26.08 -6.68
CA LEU A 122 3.21 -25.89 -5.28
C LEU A 122 1.69 -25.83 -5.17
N ALA A 123 1.11 -26.71 -4.36
CA ALA A 123 -0.33 -26.79 -4.15
C ALA A 123 -0.58 -26.84 -2.64
N VAL A 124 -0.92 -25.70 -2.05
CA VAL A 124 -1.16 -25.61 -0.61
C VAL A 124 -2.56 -25.08 -0.37
N SER A 125 -3.48 -25.38 -1.28
CA SER A 125 -4.84 -24.88 -1.18
C SER A 125 -5.58 -25.56 -0.02
N ASN A 126 -6.68 -24.93 0.40
CA ASN A 126 -7.51 -25.44 1.48
C ASN A 126 -6.70 -25.61 2.76
N ASN A 127 -5.99 -24.54 3.14
CA ASN A 127 -5.18 -24.54 4.35
C ASN A 127 -5.42 -23.28 5.17
N GLN A 128 -4.59 -23.08 6.20
CA GLN A 128 -4.70 -21.94 7.09
C GLN A 128 -3.61 -20.90 6.83
N LEU A 129 -3.04 -20.90 5.63
CA LEU A 129 -1.90 -20.05 5.34
C LEU A 129 -2.28 -18.57 5.43
N THR A 130 -1.40 -17.78 6.04
CA THR A 130 -1.55 -16.34 6.10
C THR A 130 -0.44 -15.57 5.40
N SER A 131 0.67 -16.22 5.07
CA SER A 131 1.77 -15.59 4.36
C SER A 131 2.53 -16.67 3.62
N LEU A 132 3.01 -16.34 2.43
CA LEU A 132 3.75 -17.33 1.63
C LEU A 132 5.25 -17.03 1.68
N PRO A 133 6.09 -18.06 1.64
CA PRO A 133 7.53 -17.85 1.52
C PRO A 133 7.88 -17.34 0.13
N GLU A 134 9.14 -16.90 -0.02
CA GLU A 134 9.60 -16.43 -1.31
C GLU A 134 9.56 -17.57 -2.33
N MET A 135 9.01 -17.27 -3.50
CA MET A 135 8.77 -18.33 -4.48
C MET A 135 10.07 -18.77 -5.14
N PRO A 136 10.26 -20.07 -5.37
CA PRO A 136 11.47 -20.52 -6.05
C PRO A 136 11.49 -20.03 -7.50
N PRO A 137 12.67 -19.85 -8.08
CA PRO A 137 12.73 -19.40 -9.48
C PRO A 137 12.07 -20.35 -10.46
N ALA A 138 12.09 -21.65 -10.17
CA ALA A 138 11.59 -22.67 -11.10
C ALA A 138 10.11 -22.95 -10.94
N LEU A 139 9.42 -22.26 -10.04
CA LEU A 139 8.00 -22.50 -9.83
C LEU A 139 7.21 -22.04 -11.05
N ARG A 140 6.29 -22.89 -11.52
CA ARG A 140 5.42 -22.57 -12.63
C ARG A 140 3.94 -22.69 -12.31
N GLU A 141 3.57 -23.44 -11.27
CA GLU A 141 2.17 -23.56 -10.85
C GLU A 141 2.11 -23.31 -9.34
N LEU A 142 1.18 -22.45 -8.92
CA LEU A 142 1.03 -22.07 -7.52
C LEU A 142 -0.44 -22.16 -7.15
N ARG A 143 -0.80 -23.18 -6.38
CA ARG A 143 -2.17 -23.39 -5.91
C ARG A 143 -2.23 -22.95 -4.46
N VAL A 144 -2.76 -21.75 -4.22
CA VAL A 144 -2.85 -21.18 -2.88
C VAL A 144 -4.29 -20.79 -2.55
N SER A 145 -5.26 -21.28 -3.31
CA SER A 145 -6.65 -20.92 -3.08
C SER A 145 -7.15 -21.51 -1.77
N GLY A 146 -8.20 -20.90 -1.24
CA GLY A 146 -8.78 -21.36 0.01
C GLY A 146 -7.89 -21.16 1.22
N ASN A 147 -7.23 -20.01 1.32
CA ASN A 147 -6.38 -19.68 2.45
C ASN A 147 -6.72 -18.27 2.95
N ASN A 148 -5.97 -17.82 3.96
CA ASN A 148 -6.16 -16.50 4.54
C ASN A 148 -5.11 -15.51 4.07
N LEU A 149 -4.50 -15.74 2.91
CA LEU A 149 -3.45 -14.86 2.42
C LEU A 149 -4.00 -13.46 2.14
N THR A 150 -3.21 -12.45 2.50
CA THR A 150 -3.53 -11.07 2.18
C THR A 150 -2.57 -10.44 1.20
N SER A 151 -1.38 -11.02 1.01
CA SER A 151 -0.40 -10.51 0.07
C SER A 151 0.25 -11.69 -0.65
N LEU A 152 0.69 -11.43 -1.88
CA LEU A 152 1.38 -12.44 -2.68
C LEU A 152 2.84 -12.08 -2.81
N PRO A 153 3.76 -13.01 -2.52
CA PRO A 153 5.19 -12.70 -2.63
C PRO A 153 5.61 -12.41 -4.06
N ALA A 154 6.87 -12.05 -4.27
CA ALA A 154 7.36 -11.79 -5.61
C ALA A 154 7.20 -13.02 -6.48
N LEU A 155 6.59 -12.83 -7.65
CA LEU A 155 6.28 -13.94 -8.53
C LEU A 155 7.42 -14.17 -9.52
N PRO A 156 7.96 -15.39 -9.59
CA PRO A 156 9.05 -15.65 -10.55
C PRO A 156 8.58 -15.49 -11.98
N SER A 157 9.53 -15.13 -12.85
CA SER A 157 9.19 -14.89 -14.25
C SER A 157 8.63 -16.14 -14.92
N GLY A 158 9.04 -17.32 -14.46
CA GLY A 158 8.60 -18.57 -15.05
C GLY A 158 7.24 -19.06 -14.64
N LEU A 159 6.56 -18.36 -13.74
CA LEU A 159 5.24 -18.79 -13.29
C LEU A 159 4.27 -18.83 -14.47
N GLN A 160 3.64 -19.98 -14.67
CA GLN A 160 2.68 -20.18 -15.76
C GLN A 160 1.24 -19.98 -15.33
N LYS A 161 0.85 -20.56 -14.19
CA LYS A 161 -0.51 -20.46 -13.68
C LYS A 161 -0.48 -20.15 -12.19
N LEU A 162 -1.47 -19.40 -11.73
CA LEU A 162 -1.59 -19.02 -10.33
C LEU A 162 -3.06 -18.96 -9.97
N TRP A 163 -3.44 -19.70 -8.93
CA TRP A 163 -4.82 -19.73 -8.44
C TRP A 163 -4.83 -19.28 -6.99
N ALA A 164 -5.61 -18.23 -6.70
CA ALA A 164 -5.68 -17.65 -5.36
C ALA A 164 -7.14 -17.36 -5.00
N TYR A 165 -8.01 -18.35 -5.23
CA TYR A 165 -9.43 -18.17 -4.98
C TYR A 165 -9.75 -18.15 -3.48
N ASN A 166 -10.72 -17.32 -3.12
CA ASN A 166 -11.25 -17.24 -1.76
C ASN A 166 -10.12 -16.98 -0.75
N ASN A 167 -9.29 -16.00 -1.07
CA ASN A 167 -8.27 -15.48 -0.16
C ASN A 167 -8.63 -14.05 0.25
N ARG A 168 -7.74 -13.43 1.01
CA ARG A 168 -7.93 -12.07 1.50
C ARG A 168 -6.94 -11.09 0.88
N LEU A 169 -6.50 -11.35 -0.35
CA LEU A 169 -5.53 -10.49 -1.00
C LEU A 169 -6.07 -9.08 -1.15
N THR A 170 -5.29 -8.09 -0.72
CA THR A 170 -5.65 -6.69 -0.86
C THR A 170 -4.82 -5.95 -1.91
N SER A 171 -3.63 -6.46 -2.23
CA SER A 171 -2.81 -5.90 -3.29
C SER A 171 -2.15 -7.04 -4.05
N LEU A 172 -1.91 -6.82 -5.34
CA LEU A 172 -1.25 -7.86 -6.13
C LEU A 172 0.12 -7.40 -6.59
N PRO A 173 1.13 -8.26 -6.50
CA PRO A 173 2.44 -7.93 -7.06
C PRO A 173 2.40 -7.90 -8.57
N GLU A 174 3.40 -7.25 -9.16
CA GLU A 174 3.49 -7.20 -10.61
C GLU A 174 3.52 -8.61 -11.18
N MET A 175 2.69 -8.85 -12.18
CA MET A 175 2.49 -10.20 -12.70
C MET A 175 3.56 -10.58 -13.71
N SER A 176 3.85 -11.88 -13.75
CA SER A 176 4.84 -12.37 -14.71
C SER A 176 4.31 -12.21 -16.14
N PRO A 177 5.19 -11.89 -17.09
CA PRO A 177 4.71 -11.71 -18.47
C PRO A 177 4.07 -12.97 -19.06
N GLY A 178 4.69 -14.12 -18.87
CA GLY A 178 4.14 -15.37 -19.36
C GLY A 178 3.25 -16.08 -18.36
N LEU A 179 2.09 -15.51 -18.09
CA LEU A 179 1.13 -16.08 -17.14
C LEU A 179 -0.11 -16.50 -17.91
N GLN A 180 -0.32 -17.81 -18.05
CA GLN A 180 -1.46 -18.31 -18.82
C GLN A 180 -2.78 -18.10 -18.06
N GLU A 181 -2.79 -18.43 -16.77
CA GLU A 181 -4.00 -18.36 -15.97
C GLU A 181 -3.71 -17.65 -14.66
N LEU A 182 -4.57 -16.69 -14.31
CA LEU A 182 -4.45 -15.93 -13.07
C LEU A 182 -5.82 -15.84 -12.43
N ASP A 183 -6.03 -16.59 -11.35
CA ASP A 183 -7.31 -16.65 -10.65
C ASP A 183 -7.14 -16.02 -9.27
N VAL A 184 -7.55 -14.76 -9.14
CA VAL A 184 -7.56 -14.06 -7.88
C VAL A 184 -9.00 -13.73 -7.53
N SER A 185 -9.92 -14.58 -7.99
CA SER A 185 -11.35 -14.35 -7.79
C SER A 185 -11.72 -14.40 -6.32
N HIS A 186 -12.71 -13.58 -5.95
CA HIS A 186 -13.26 -13.54 -4.61
C HIS A 186 -12.16 -13.25 -3.58
N ASN A 187 -11.51 -12.11 -3.77
CA ASN A 187 -10.54 -11.60 -2.80
C ASN A 187 -10.92 -10.18 -2.41
N GLN A 188 -10.05 -9.49 -1.67
CA GLN A 188 -10.29 -8.12 -1.24
C GLN A 188 -9.48 -7.12 -2.06
N LEU A 189 -9.32 -7.39 -3.35
CA LEU A 189 -8.54 -6.52 -4.22
C LEU A 189 -9.40 -5.35 -4.69
N THR A 190 -8.92 -4.14 -4.46
CA THR A 190 -9.59 -2.93 -4.94
C THR A 190 -9.01 -2.41 -6.24
N ARG A 191 -7.77 -2.77 -6.57
CA ARG A 191 -7.13 -2.33 -7.80
C ARG A 191 -6.09 -3.37 -8.22
N LEU A 192 -5.70 -3.30 -9.48
CA LEU A 192 -4.82 -4.31 -10.06
C LEU A 192 -3.59 -3.66 -10.67
N PRO A 193 -2.47 -4.37 -10.73
CA PRO A 193 -1.25 -3.81 -11.31
C PRO A 193 -1.37 -3.66 -12.83
N GLN A 194 -0.55 -2.75 -13.35
CA GLN A 194 -0.52 -2.52 -14.80
C GLN A 194 0.10 -3.68 -15.55
N SER A 195 0.85 -4.55 -14.88
CA SER A 195 1.46 -5.69 -15.54
C SER A 195 0.43 -6.65 -16.13
N LEU A 196 -0.82 -6.55 -15.68
CA LEU A 196 -1.87 -7.39 -16.24
C LEU A 196 -2.01 -7.19 -17.74
N THR A 197 -1.82 -5.95 -18.20
CA THR A 197 -1.91 -5.66 -19.63
C THR A 197 -0.82 -6.37 -20.43
N GLY A 198 0.26 -6.77 -19.77
CA GLY A 198 1.36 -7.43 -20.45
C GLY A 198 1.23 -8.92 -20.63
N LEU A 199 0.12 -9.51 -20.20
CA LEU A 199 -0.07 -10.95 -20.37
C LEU A 199 -0.39 -11.28 -21.82
N SER A 200 -0.29 -12.57 -22.15
CA SER A 200 -0.57 -13.01 -23.50
C SER A 200 -2.03 -12.75 -23.85
N SER A 201 -2.29 -12.53 -25.14
CA SER A 201 -3.64 -12.18 -25.58
C SER A 201 -4.65 -13.27 -25.23
N ALA A 202 -4.21 -14.53 -25.16
CA ALA A 202 -5.09 -15.66 -24.89
C ALA A 202 -5.14 -16.05 -23.42
N ALA A 203 -4.49 -15.30 -22.54
CA ALA A 203 -4.47 -15.66 -21.13
C ALA A 203 -5.85 -15.53 -20.51
N ARG A 204 -6.15 -16.40 -19.56
CA ARG A 204 -7.40 -16.38 -18.81
C ARG A 204 -7.16 -15.70 -17.47
N VAL A 205 -7.86 -14.60 -17.23
CA VAL A 205 -7.77 -13.85 -15.98
C VAL A 205 -9.14 -13.83 -15.33
N TYR A 206 -9.22 -14.32 -14.09
CA TYR A 206 -10.48 -14.38 -13.35
C TYR A 206 -10.40 -13.39 -12.19
N LEU A 207 -11.16 -12.30 -12.30
CA LEU A 207 -11.13 -11.23 -11.30
C LEU A 207 -12.51 -11.00 -10.67
N ASP A 208 -13.46 -11.90 -10.88
CA ASP A 208 -14.78 -11.74 -10.31
C ASP A 208 -14.76 -11.93 -8.80
N GLY A 209 -15.68 -11.26 -8.12
CA GLY A 209 -15.79 -11.36 -6.68
C GLY A 209 -14.90 -10.44 -5.89
N ASN A 210 -14.15 -9.55 -6.56
CA ASN A 210 -13.30 -8.62 -5.84
C ASN A 210 -13.94 -7.24 -5.79
N PRO A 211 -13.67 -6.47 -4.73
CA PRO A 211 -14.22 -5.10 -4.65
C PRO A 211 -13.49 -4.15 -5.57
N LEU A 212 -13.43 -4.49 -6.86
CA LEU A 212 -12.71 -3.67 -7.81
C LEU A 212 -13.33 -2.27 -7.90
N SER A 213 -12.47 -1.26 -7.95
CA SER A 213 -12.94 0.12 -8.05
C SER A 213 -13.64 0.34 -9.39
N VAL A 214 -14.53 1.33 -9.41
CA VAL A 214 -15.25 1.65 -10.64
C VAL A 214 -14.27 2.00 -11.74
N ARG A 215 -13.22 2.76 -11.43
CA ARG A 215 -12.21 3.08 -12.42
C ARG A 215 -11.53 1.82 -12.94
N THR A 216 -11.23 0.88 -12.04
CA THR A 216 -10.63 -0.38 -12.48
C THR A 216 -11.56 -1.15 -13.40
N LEU A 217 -12.86 -1.16 -13.10
CA LEU A 217 -13.81 -1.85 -13.96
C LEU A 217 -13.83 -1.24 -15.37
N GLN A 218 -13.84 0.09 -15.45
CA GLN A 218 -13.81 0.74 -16.75
C GLN A 218 -12.52 0.44 -17.49
N ALA A 219 -11.41 0.35 -16.76
CA ALA A 219 -10.14 -0.02 -17.40
C ALA A 219 -10.19 -1.43 -17.96
N LEU A 220 -10.77 -2.37 -17.22
CA LEU A 220 -10.83 -3.75 -17.70
C LEU A 220 -11.67 -3.84 -18.98
N ARG A 221 -12.78 -3.11 -19.05
CA ARG A 221 -13.59 -3.11 -20.26
C ARG A 221 -12.78 -2.61 -21.45
N ASP A 222 -12.03 -1.52 -21.27
CA ASP A 222 -11.20 -1.01 -22.35
C ASP A 222 -10.07 -1.98 -22.68
N ILE A 223 -9.49 -2.61 -21.66
CA ILE A 223 -8.37 -3.52 -21.89
C ILE A 223 -8.83 -4.71 -22.72
N ILE A 224 -9.98 -5.30 -22.37
CA ILE A 224 -10.46 -6.47 -23.10
C ILE A 224 -10.87 -6.09 -24.51
N GLY A 225 -11.46 -4.90 -24.68
CA GLY A 225 -11.94 -4.49 -25.99
C GLY A 225 -10.86 -4.05 -26.95
N HIS A 226 -9.66 -3.77 -26.44
CA HIS A 226 -8.56 -3.30 -27.27
C HIS A 226 -7.43 -4.31 -27.43
N SER A 227 -7.21 -5.18 -26.44
CA SER A 227 -6.15 -6.16 -26.50
C SER A 227 -6.64 -7.59 -26.69
N GLY A 228 -7.95 -7.82 -26.64
CA GLY A 228 -8.48 -9.16 -26.82
C GLY A 228 -8.14 -10.15 -25.75
N ILE A 229 -7.61 -9.70 -24.61
CA ILE A 229 -7.27 -10.61 -23.52
C ILE A 229 -8.54 -11.13 -22.88
N ARG A 230 -8.53 -12.42 -22.54
CA ARG A 230 -9.69 -13.07 -21.93
C ARG A 230 -9.71 -12.73 -20.45
N ILE A 231 -10.50 -11.72 -20.08
CA ILE A 231 -10.66 -11.28 -18.70
C ILE A 231 -12.11 -11.50 -18.30
N HIS A 232 -12.32 -12.23 -17.22
CA HIS A 232 -13.65 -12.49 -16.68
C HIS A 232 -13.80 -11.73 -15.37
N PHE A 233 -14.79 -10.86 -15.30
CA PHE A 233 -15.05 -10.07 -14.10
C PHE A 233 -16.53 -9.69 -14.08
N ASP A 234 -16.92 -9.00 -13.01
CA ASP A 234 -18.30 -8.60 -12.81
C ASP A 234 -18.53 -7.23 -13.46
N MET A 235 -19.35 -7.21 -14.51
CA MET A 235 -19.68 -5.97 -15.21
C MET A 235 -21.10 -5.50 -14.89
N ALA A 236 -22.09 -6.39 -14.98
CA ALA A 236 -23.47 -6.03 -14.69
C ALA A 236 -23.79 -6.05 -13.21
N GLY A 237 -22.87 -6.50 -12.36
CA GLY A 237 -23.07 -6.49 -10.94
C GLY A 237 -23.15 -5.08 -10.40
N PRO A 238 -24.06 -4.84 -9.46
CA PRO A 238 -24.22 -3.49 -8.92
C PRO A 238 -22.92 -2.99 -8.30
N SER A 239 -22.63 -1.71 -8.52
CA SER A 239 -21.43 -1.10 -7.94
C SER A 239 -21.63 -0.92 -6.44
N VAL A 240 -20.73 -1.49 -5.65
CA VAL A 240 -20.85 -1.50 -4.20
C VAL A 240 -20.03 -0.33 -3.64
N PRO A 241 -20.66 0.65 -3.00
CA PRO A 241 -19.89 1.72 -2.36
C PRO A 241 -19.07 1.18 -1.21
N ARG A 242 -17.91 1.81 -0.99
CA ARG A 242 -17.03 1.40 0.08
C ARG A 242 -17.69 1.63 1.44
N GLU A 243 -17.59 0.63 2.32
CA GLU A 243 -18.12 0.73 3.67
C GLU A 243 -16.95 1.00 4.62
N ALA A 244 -16.98 2.14 5.29
CA ALA A 244 -15.89 2.52 6.17
C ALA A 244 -15.87 1.65 7.42
N ARG A 245 -14.69 1.24 7.84
CA ARG A 245 -14.52 0.53 9.09
C ARG A 245 -14.49 1.50 10.25
N ALA A 246 -14.69 0.98 11.46
CA ALA A 246 -14.50 1.78 12.65
C ALA A 246 -13.08 2.34 12.67
N LEU A 247 -12.96 3.63 12.99
CA LEU A 247 -11.67 4.29 12.86
C LEU A 247 -10.59 3.59 13.68
N HIS A 248 -10.95 3.08 14.85
CA HIS A 248 -9.95 2.41 15.68
C HIS A 248 -9.44 1.13 15.02
N LEU A 249 -10.30 0.42 14.29
CA LEU A 249 -9.85 -0.78 13.59
C LEU A 249 -8.80 -0.45 12.54
N ALA A 250 -9.05 0.59 11.74
CA ALA A 250 -8.10 0.98 10.71
C ALA A 250 -6.79 1.46 11.32
N VAL A 251 -6.86 2.27 12.38
CA VAL A 251 -5.65 2.76 13.03
C VAL A 251 -4.86 1.60 13.62
N ALA A 252 -5.56 0.62 14.18
CA ALA A 252 -4.88 -0.52 14.80
C ALA A 252 -3.98 -1.24 13.80
N ASP A 253 -4.42 -1.35 12.55
CA ASP A 253 -3.62 -2.02 11.53
C ASP A 253 -2.35 -1.24 11.18
N TRP A 254 -2.24 0.01 11.60
CA TRP A 254 -1.04 0.81 11.40
C TRP A 254 -0.12 0.82 12.61
N LEU A 255 -0.68 0.85 13.81
CA LEU A 255 0.12 0.87 15.04
C LEU A 255 0.42 -0.56 15.49
N THR A 256 1.31 -1.20 14.74
CA THR A 256 1.69 -2.58 14.98
C THR A 256 3.04 -2.72 15.67
N SER A 257 3.64 -1.61 16.09
CA SER A 257 4.96 -1.65 16.71
C SER A 257 4.83 -1.99 18.20
N ALA A 258 5.98 -2.32 18.80
CA ALA A 258 6.05 -2.72 20.20
C ALA A 258 6.40 -1.57 21.13
N ARG A 259 6.21 -0.33 20.68
CA ARG A 259 6.46 0.81 21.55
C ARG A 259 5.51 0.79 22.74
N GLU A 260 5.91 1.49 23.80
CA GLU A 260 5.15 1.43 25.05
C GLU A 260 3.70 1.90 24.84
N GLY A 261 3.52 3.03 24.16
CA GLY A 261 2.22 3.66 24.07
C GLY A 261 1.44 3.44 22.79
N GLU A 262 1.97 2.68 21.83
CA GLU A 262 1.27 2.52 20.56
C GLU A 262 -0.08 1.84 20.76
N ALA A 263 -0.10 0.70 21.45
CA ALA A 263 -1.36 0.00 21.65
C ALA A 263 -2.35 0.85 22.44
N ALA A 264 -1.88 1.52 23.49
CA ALA A 264 -2.76 2.38 24.27
C ALA A 264 -3.30 3.54 23.43
N GLN A 265 -2.47 4.11 22.57
CA GLN A 265 -2.92 5.19 21.71
C GLN A 265 -4.04 4.72 20.79
N ALA A 266 -3.91 3.51 20.21
CA ALA A 266 -4.92 3.01 19.31
C ALA A 266 -6.28 2.92 19.98
N ASP A 267 -6.30 2.46 21.25
CA ASP A 267 -7.57 2.36 21.96
C ASP A 267 -8.26 3.70 22.09
N ARG A 268 -7.50 4.78 22.20
CA ARG A 268 -8.10 6.11 22.27
C ARG A 268 -8.92 6.42 21.01
N TRP A 269 -8.51 5.86 19.87
CA TRP A 269 -9.18 6.17 18.60
C TRP A 269 -10.61 5.63 18.54
N GLN A 270 -11.01 4.77 19.48
CA GLN A 270 -12.40 4.35 19.53
C GLN A 270 -13.32 5.55 19.71
N ALA A 271 -13.00 6.42 20.67
CA ALA A 271 -13.76 7.65 20.84
C ALA A 271 -13.60 8.56 19.63
N PHE A 272 -12.37 8.68 19.11
CA PHE A 272 -12.16 9.50 17.93
C PHE A 272 -12.98 9.01 16.73
N GLY A 273 -13.23 7.71 16.67
CA GLY A 273 -14.02 7.16 15.58
C GLY A 273 -15.44 7.69 15.54
N LEU A 274 -15.95 8.19 16.66
CA LEU A 274 -17.28 8.80 16.71
C LEU A 274 -17.27 10.26 16.30
N GLU A 275 -16.10 10.87 16.16
CA GLU A 275 -16.02 12.26 15.76
C GLU A 275 -16.44 12.43 14.30
N ASP A 276 -16.82 13.65 13.95
CA ASP A 276 -17.27 13.93 12.59
C ASP A 276 -16.17 13.66 11.59
N ASN A 277 -16.54 13.09 10.44
CA ASN A 277 -15.65 12.78 9.33
C ASN A 277 -14.67 11.66 9.64
N ALA A 278 -14.89 10.92 10.73
CA ALA A 278 -13.97 9.82 11.07
C ALA A 278 -14.02 8.73 10.01
N ALA A 279 -15.19 8.49 9.41
CA ALA A 279 -15.31 7.46 8.39
C ALA A 279 -14.42 7.75 7.19
N ALA A 280 -14.39 9.02 6.74
CA ALA A 280 -13.51 9.38 5.64
C ALA A 280 -12.05 9.15 5.99
N PHE A 281 -11.64 9.52 7.21
CA PHE A 281 -10.27 9.30 7.63
C PHE A 281 -9.94 7.81 7.66
N SER A 282 -10.88 6.99 8.13
CA SER A 282 -10.66 5.55 8.17
C SER A 282 -10.41 4.99 6.78
N LEU A 283 -11.20 5.43 5.79
CA LEU A 283 -11.02 4.94 4.43
C LEU A 283 -9.64 5.30 3.90
N VAL A 284 -9.16 6.50 4.20
CA VAL A 284 -7.84 6.92 3.72
C VAL A 284 -6.76 5.98 4.26
N LEU A 285 -6.85 5.61 5.54
CA LEU A 285 -5.86 4.71 6.12
C LEU A 285 -5.86 3.35 5.43
N ASP A 286 -7.05 2.81 5.16
CA ASP A 286 -7.14 1.52 4.49
C ASP A 286 -6.66 1.60 3.05
N ARG A 287 -6.97 2.69 2.35
CA ARG A 287 -6.54 2.84 0.98
C ARG A 287 -5.02 2.81 0.87
N LEU A 288 -4.33 3.49 1.79
CA LEU A 288 -2.87 3.51 1.78
C LEU A 288 -2.28 2.21 2.32
N ARG A 289 -2.94 1.59 3.30
CA ARG A 289 -2.39 0.38 3.91
C ARG A 289 -2.46 -0.82 2.98
N GLU A 290 -3.52 -0.91 2.16
CA GLU A 290 -3.67 -2.04 1.25
C GLU A 290 -2.91 -1.80 -0.06
N THR A 291 -1.62 -1.54 0.07
CA THR A 291 -0.75 -1.28 -1.07
C THR A 291 0.52 -2.11 -0.96
N GLU A 292 1.10 -2.44 -2.11
CA GLU A 292 2.36 -3.18 -2.10
C GLU A 292 3.47 -2.37 -1.43
N ASN A 293 3.35 -1.04 -1.44
CA ASN A 293 4.32 -0.20 -0.74
C ASN A 293 4.29 -0.47 0.76
N PHE A 294 3.09 -0.53 1.34
CA PHE A 294 2.96 -0.83 2.77
C PHE A 294 3.45 -2.23 3.07
N LYS A 295 3.09 -3.21 2.23
CA LYS A 295 3.46 -4.59 2.49
C LYS A 295 4.96 -4.84 2.39
N LYS A 296 5.71 -3.94 1.74
CA LYS A 296 7.12 -4.18 1.46
C LYS A 296 8.07 -3.31 2.26
N ASP A 297 7.63 -2.14 2.73
CA ASP A 297 8.51 -1.20 3.42
C ASP A 297 7.91 -0.85 4.77
N ALA A 298 8.57 -1.28 5.85
CA ALA A 298 8.12 -0.92 7.19
C ALA A 298 8.24 0.58 7.46
N GLY A 299 9.06 1.29 6.69
CA GLY A 299 9.17 2.73 6.85
C GLY A 299 7.87 3.45 6.56
N PHE A 300 7.03 2.86 5.69
CA PHE A 300 5.73 3.45 5.41
C PHE A 300 4.87 3.50 6.67
N LYS A 301 4.89 2.42 7.45
CA LYS A 301 4.15 2.41 8.71
C LYS A 301 4.70 3.45 9.69
N ALA A 302 6.02 3.58 9.75
CA ALA A 302 6.63 4.51 10.69
C ALA A 302 6.17 5.94 10.45
N GLN A 303 5.90 6.30 9.20
CA GLN A 303 5.45 7.65 8.89
C GLN A 303 4.02 7.88 9.37
N ILE A 304 3.09 7.06 8.89
CA ILE A 304 1.68 7.26 9.22
C ILE A 304 1.44 7.05 10.71
N SER A 305 2.12 6.08 11.31
CA SER A 305 1.91 5.79 12.73
C SER A 305 2.29 6.97 13.60
N SER A 306 3.44 7.58 13.33
CA SER A 306 3.86 8.75 14.11
C SER A 306 2.93 9.93 13.88
N TRP A 307 2.42 10.08 12.66
CA TRP A 307 1.50 11.17 12.35
C TRP A 307 0.22 11.04 13.17
N LEU A 308 -0.28 9.82 13.34
CA LEU A 308 -1.48 9.62 14.15
C LEU A 308 -1.27 10.07 15.59
N THR A 309 -0.04 9.98 16.09
CA THR A 309 0.22 10.36 17.47
C THR A 309 -0.10 11.83 17.70
N GLN A 310 0.31 12.71 16.78
CA GLN A 310 0.00 14.12 16.91
C GLN A 310 -1.51 14.36 16.85
N LEU A 311 -2.21 13.65 15.96
CA LEU A 311 -3.65 13.80 15.86
C LEU A 311 -4.34 13.41 17.16
N ALA A 312 -3.76 12.46 17.91
CA ALA A 312 -4.36 12.03 19.17
C ALA A 312 -4.20 13.08 20.27
N GLU A 313 -3.25 14.00 20.13
CA GLU A 313 -3.00 15.02 21.15
C GLU A 313 -3.58 16.39 20.80
N ASP A 314 -3.91 16.63 19.53
CA ASP A 314 -4.45 17.91 19.09
C ASP A 314 -5.85 17.66 18.51
N ALA A 315 -6.88 18.05 19.26
CA ALA A 315 -8.25 17.87 18.78
C ALA A 315 -8.52 18.74 17.56
N ALA A 316 -8.07 20.00 17.58
CA ALA A 316 -8.30 20.88 16.44
C ALA A 316 -7.62 20.35 15.19
N LEU A 317 -6.38 19.88 15.33
CA LEU A 317 -5.68 19.30 14.18
C LEU A 317 -6.41 18.05 13.67
N ARG A 318 -6.84 17.19 14.60
CA ARG A 318 -7.48 15.94 14.19
C ARG A 318 -8.77 16.19 13.43
N ALA A 319 -9.59 17.14 13.89
CA ALA A 319 -10.83 17.44 13.21
C ALA A 319 -10.58 17.99 11.80
N LYS A 320 -9.63 18.92 11.68
CA LYS A 320 -9.30 19.46 10.36
C LYS A 320 -8.72 18.38 9.46
N THR A 321 -7.90 17.48 10.02
CA THR A 321 -7.38 16.37 9.23
C THR A 321 -8.50 15.49 8.71
N PHE A 322 -9.50 15.20 9.55
CA PHE A 322 -10.63 14.41 9.10
C PHE A 322 -11.37 15.09 7.97
N ALA A 323 -11.59 16.41 8.09
CA ALA A 323 -12.25 17.15 7.02
C ALA A 323 -11.48 17.05 5.70
N MET A 324 -10.15 16.96 5.78
CA MET A 324 -9.36 16.80 4.56
C MET A 324 -9.69 15.49 3.85
N ALA A 325 -9.90 14.42 4.61
CA ALA A 325 -10.16 13.11 4.03
C ALA A 325 -11.45 13.05 3.24
N THR A 326 -12.40 13.95 3.52
CA THR A 326 -13.67 13.91 2.79
C THR A 326 -13.45 14.09 1.29
N GLU A 327 -12.39 14.80 0.90
CA GLU A 327 -12.11 14.99 -0.52
C GLU A 327 -11.81 13.66 -1.20
N ALA A 328 -11.01 12.82 -0.55
CA ALA A 328 -10.63 11.54 -1.16
C ALA A 328 -11.84 10.64 -1.36
N THR A 329 -12.78 10.65 -0.41
CA THR A 329 -13.96 9.80 -0.47
C THR A 329 -15.13 10.39 -1.25
N SER A 330 -15.14 11.71 -1.46
CA SER A 330 -16.24 12.31 -2.21
C SER A 330 -16.33 11.73 -3.63
N THR A 331 -15.22 11.75 -4.37
CA THR A 331 -15.07 10.90 -5.53
C THR A 331 -14.52 9.54 -5.06
N CYS A 332 -14.71 8.52 -5.90
CA CYS A 332 -14.29 7.18 -5.49
C CYS A 332 -12.80 7.15 -5.18
N GLU A 333 -11.99 7.87 -5.95
CA GLU A 333 -10.55 7.90 -5.70
C GLU A 333 -9.95 9.07 -6.47
N ASP A 334 -8.62 9.10 -6.54
CA ASP A 334 -7.80 10.05 -7.29
C ASP A 334 -7.72 11.41 -6.61
N ARG A 335 -8.44 11.62 -5.51
CA ARG A 335 -8.31 12.80 -4.67
C ARG A 335 -7.53 12.51 -3.39
N VAL A 336 -7.01 11.28 -3.24
CA VAL A 336 -6.30 10.92 -2.02
C VAL A 336 -4.98 11.70 -1.90
N THR A 337 -4.25 11.82 -3.01
CA THR A 337 -2.97 12.51 -2.96
C THR A 337 -3.13 13.96 -2.52
N HIS A 338 -4.13 14.66 -3.07
CA HIS A 338 -4.36 16.04 -2.66
C HIS A 338 -4.73 16.11 -1.18
N ALA A 339 -5.58 15.19 -0.71
CA ALA A 339 -5.96 15.18 0.69
C ALA A 339 -4.76 14.92 1.60
N LEU A 340 -3.89 13.99 1.20
CA LEU A 340 -2.73 13.68 2.03
C LEU A 340 -1.83 14.89 2.22
N HIS A 341 -1.57 15.65 1.15
CA HIS A 341 -0.74 16.83 1.27
C HIS A 341 -1.41 17.88 2.16
N GLN A 342 -2.71 18.12 1.97
CA GLN A 342 -3.40 19.08 2.80
C GLN A 342 -3.46 18.64 4.26
N MET A 343 -3.33 17.32 4.51
CA MET A 343 -3.19 16.86 5.89
C MET A 343 -1.82 17.17 6.44
N ASN A 344 -0.78 17.06 5.61
CA ASN A 344 0.57 17.42 6.05
C ASN A 344 0.69 18.92 6.28
N ASN A 345 0.08 19.74 5.42
CA ASN A 345 0.15 21.18 5.60
C ASN A 345 -0.49 21.61 6.92
N VAL A 346 -1.70 21.11 7.20
CA VAL A 346 -2.35 21.44 8.46
C VAL A 346 -1.52 20.97 9.64
N GLN A 347 -0.88 19.80 9.50
CA GLN A 347 0.03 19.32 10.53
C GLN A 347 1.18 20.29 10.73
N LEU A 348 1.80 20.74 9.63
CA LEU A 348 2.89 21.69 9.73
C LEU A 348 2.43 23.02 10.31
N VAL A 349 1.23 23.46 9.93
CA VAL A 349 0.70 24.72 10.45
C VAL A 349 0.61 24.67 11.97
N HIS A 350 0.09 23.56 12.51
CA HIS A 350 0.02 23.42 13.96
C HIS A 350 1.42 23.27 14.56
N ASN A 351 2.33 22.58 13.85
CA ASN A 351 3.71 22.52 14.31
C ASN A 351 4.34 23.91 14.32
N ALA A 352 4.05 24.72 13.29
CA ALA A 352 4.51 26.10 13.29
C ALA A 352 3.86 26.89 14.43
N GLU A 353 2.56 26.65 14.66
CA GLU A 353 1.88 27.32 15.78
C GLU A 353 2.51 26.92 17.10
N LYS A 354 2.87 25.65 17.24
CA LYS A 354 3.55 25.20 18.45
C LYS A 354 4.92 25.86 18.61
N GLY A 355 5.47 26.44 17.55
CA GLY A 355 6.74 27.14 17.62
C GLY A 355 7.95 26.32 17.25
N GLU A 356 7.79 25.22 16.52
CA GLU A 356 8.94 24.40 16.15
C GLU A 356 9.90 25.18 15.25
N TYR A 357 9.37 26.00 14.33
CA TYR A 357 10.17 26.74 13.38
C TYR A 357 10.42 28.18 13.80
N ASP A 358 10.20 28.50 15.08
CA ASP A 358 10.42 29.86 15.55
C ASP A 358 11.88 30.28 15.44
N ASN A 359 12.81 29.34 15.60
CA ASN A 359 14.24 29.64 15.50
C ASN A 359 14.95 28.78 14.46
N ASN A 360 14.21 28.27 13.47
CA ASN A 360 14.78 27.43 12.42
C ASN A 360 14.26 27.88 11.07
N LEU A 361 14.35 29.19 10.80
CA LEU A 361 13.89 29.72 9.53
C LEU A 361 14.54 29.00 8.36
N GLN A 362 15.81 28.61 8.51
CA GLN A 362 16.45 27.80 7.48
C GLN A 362 15.73 26.48 7.29
N GLY A 363 15.36 25.83 8.40
CA GLY A 363 14.60 24.59 8.29
C GLY A 363 13.21 24.80 7.71
N LEU A 364 12.59 25.94 8.02
CA LEU A 364 11.27 26.24 7.47
C LEU A 364 11.31 26.31 5.95
N VAL A 365 12.33 26.97 5.39
CA VAL A 365 12.48 27.01 3.94
C VAL A 365 12.73 25.62 3.39
N SER A 366 13.59 24.85 4.06
CA SER A 366 13.87 23.48 3.63
C SER A 366 12.61 22.64 3.61
N THR A 367 11.79 22.75 4.67
CA THR A 367 10.51 22.06 4.68
C THR A 367 9.59 22.62 3.60
N GLY A 368 9.61 23.94 3.39
CA GLY A 368 8.78 24.53 2.36
C GLY A 368 9.14 24.03 0.97
N ARG A 369 10.43 23.99 0.66
CA ARG A 369 10.86 23.46 -0.62
C ARG A 369 10.46 22.00 -0.78
N GLU A 370 10.64 21.21 0.28
CA GLU A 370 10.29 19.80 0.22
C GLU A 370 8.80 19.61 -0.02
N MET A 371 7.96 20.40 0.65
CA MET A 371 6.52 20.35 0.39
C MET A 371 6.20 20.80 -1.02
N PHE A 372 6.90 21.82 -1.52
CA PHE A 372 6.71 22.25 -2.91
C PHE A 372 7.05 21.12 -3.87
N ARG A 373 8.17 20.43 -3.61
CA ARG A 373 8.54 19.30 -4.47
C ARG A 373 7.49 18.19 -4.40
N LEU A 374 7.01 17.88 -3.20
CA LEU A 374 5.96 16.88 -3.06
C LEU A 374 4.66 17.35 -3.71
N ALA A 375 4.33 18.64 -3.56
CA ALA A 375 3.14 19.17 -4.20
C ALA A 375 3.24 19.07 -5.72
N THR A 376 4.42 19.39 -6.28
CA THR A 376 4.62 19.25 -7.71
C THR A 376 4.49 17.80 -8.15
N LEU A 377 5.07 16.87 -7.39
CA LEU A 377 4.97 15.46 -7.74
C LEU A 377 3.52 14.99 -7.75
N GLU A 378 2.66 15.59 -6.92
CA GLU A 378 1.25 15.24 -6.94
C GLU A 378 0.65 15.50 -8.31
N GLN A 379 0.91 16.69 -8.87
CA GLN A 379 0.41 17.00 -10.21
C GLN A 379 1.00 16.06 -11.25
N ILE A 380 2.29 15.77 -11.16
CA ILE A 380 2.92 14.84 -12.09
C ILE A 380 2.33 13.44 -11.91
N ALA A 381 2.05 13.05 -10.67
CA ALA A 381 1.45 11.74 -10.42
C ALA A 381 0.08 11.62 -11.08
N ARG A 382 -0.73 12.69 -11.00
CA ARG A 382 -2.04 12.66 -11.63
C ARG A 382 -1.93 12.52 -13.15
N GLU A 383 -0.96 13.21 -13.75
CA GLU A 383 -0.78 13.13 -15.20
C GLU A 383 -0.51 11.69 -15.63
N LYS A 384 0.38 11.01 -14.91
CA LYS A 384 0.67 9.61 -15.24
C LYS A 384 -0.48 8.69 -14.84
N ALA A 385 -1.26 9.10 -13.84
CA ALA A 385 -2.40 8.28 -13.42
C ALA A 385 -3.42 8.15 -14.56
N GLY A 386 -3.69 9.23 -15.28
CA GLY A 386 -4.58 9.15 -16.42
C GLY A 386 -4.02 8.30 -17.55
N THR A 387 -2.70 8.39 -17.79
CA THR A 387 -2.08 7.60 -18.84
C THR A 387 -2.19 6.10 -18.54
N LEU A 388 -1.98 5.72 -17.29
CA LEU A 388 -2.01 4.32 -16.88
C LEU A 388 -3.44 3.91 -16.54
N ALA A 389 -3.96 2.94 -17.29
CA ALA A 389 -5.35 2.53 -17.11
C ALA A 389 -5.58 1.89 -15.74
N LEU A 390 -4.67 1.03 -15.29
CA LEU A 390 -4.85 0.26 -14.07
C LEU A 390 -4.13 0.84 -12.86
N VAL A 391 -3.53 2.02 -12.99
CA VAL A 391 -2.78 2.65 -11.90
C VAL A 391 -3.40 4.00 -11.61
N ASP A 392 -3.60 4.31 -10.33
CA ASP A 392 -4.17 5.57 -9.89
C ASP A 392 -3.07 6.51 -9.39
N ASP A 393 -3.51 7.66 -8.87
CA ASP A 393 -2.57 8.69 -8.44
C ASP A 393 -1.68 8.21 -7.31
N VAL A 394 -2.26 7.51 -6.34
CA VAL A 394 -1.50 7.16 -5.14
C VAL A 394 -0.29 6.30 -5.49
N GLU A 395 -0.50 5.24 -6.27
CA GLU A 395 0.59 4.32 -6.58
C GLU A 395 1.71 5.02 -7.35
N VAL A 396 1.34 5.87 -8.31
CA VAL A 396 2.34 6.62 -9.07
C VAL A 396 3.10 7.57 -8.16
N TYR A 397 2.38 8.28 -7.29
CA TYR A 397 3.03 9.25 -6.40
C TYR A 397 4.01 8.57 -5.46
N LEU A 398 3.63 7.40 -4.93
CA LEU A 398 4.53 6.67 -4.05
C LEU A 398 5.81 6.28 -4.78
N ALA A 399 5.69 5.86 -6.05
CA ALA A 399 6.87 5.51 -6.83
C ALA A 399 7.78 6.72 -7.02
N PHE A 400 7.19 7.90 -7.28
CA PHE A 400 8.00 9.09 -7.47
C PHE A 400 8.79 9.43 -6.21
N GLN A 401 8.15 9.36 -5.04
CA GLN A 401 8.84 9.64 -3.79
C GLN A 401 9.98 8.65 -3.58
N ASN A 402 9.72 7.36 -3.81
CA ASN A 402 10.70 6.33 -3.49
C ASN A 402 11.95 6.46 -4.37
N LYS A 403 11.76 6.74 -5.66
CA LYS A 403 12.86 6.85 -6.62
C LYS A 403 13.52 8.22 -6.61
N LEU A 404 12.78 9.28 -6.32
CA LEU A 404 13.30 10.65 -6.36
C LEU A 404 13.62 11.21 -4.99
N LYS A 405 13.66 10.37 -3.96
CA LYS A 405 13.97 10.87 -2.62
C LYS A 405 15.34 11.54 -2.59
N GLU A 406 16.37 10.84 -3.07
CA GLU A 406 17.71 11.42 -3.10
C GLU A 406 17.85 12.45 -4.21
N SER A 407 17.17 12.27 -5.34
CA SER A 407 17.27 13.21 -6.44
C SER A 407 16.72 14.58 -6.05
N LEU A 408 15.68 14.62 -5.22
CA LEU A 408 15.03 15.86 -4.83
C LEU A 408 15.18 16.18 -3.35
N GLU A 409 16.09 15.49 -2.65
CA GLU A 409 16.34 15.74 -1.23
C GLU A 409 15.04 15.70 -0.43
N LEU A 410 14.26 14.64 -0.64
CA LEU A 410 12.97 14.47 0.02
C LEU A 410 13.21 13.74 1.34
N THR A 411 13.62 14.50 2.36
CA THR A 411 13.90 13.89 3.66
C THR A 411 12.63 13.34 4.30
N SER A 412 11.47 13.89 3.95
CA SER A 412 10.22 13.43 4.54
C SER A 412 9.93 11.98 4.19
N VAL A 413 10.35 11.53 3.01
CA VAL A 413 10.08 10.17 2.57
C VAL A 413 10.89 9.20 3.42
N THR A 414 10.20 8.36 4.19
CA THR A 414 10.83 7.34 5.01
C THR A 414 11.03 6.02 4.27
N SER A 415 10.42 5.86 3.10
CA SER A 415 10.54 4.62 2.34
C SER A 415 11.80 4.66 1.49
N GLU A 416 12.59 3.58 1.56
CA GLU A 416 13.82 3.44 0.77
C GLU A 416 13.77 2.09 0.07
N MET A 417 13.11 2.06 -1.10
CA MET A 417 12.97 0.85 -1.90
C MET A 417 13.53 1.12 -3.29
N ARG A 418 14.59 0.42 -3.67
CA ARG A 418 15.20 0.58 -4.98
C ARG A 418 14.82 -0.52 -5.96
N PHE A 419 14.45 -1.70 -5.46
CA PHE A 419 14.03 -2.80 -6.31
C PHE A 419 12.52 -2.88 -6.49
N PHE A 420 11.78 -1.91 -5.95
CA PHE A 420 10.33 -1.88 -6.07
C PHE A 420 9.97 -1.13 -7.34
N ASP A 421 9.45 -1.86 -8.33
CA ASP A 421 9.13 -1.32 -9.64
C ASP A 421 7.62 -1.30 -9.85
N VAL A 422 7.07 -0.13 -10.18
CA VAL A 422 5.65 0.02 -10.47
C VAL A 422 5.52 0.11 -11.98
N SER A 423 4.88 -0.89 -12.58
CA SER A 423 4.76 -0.93 -14.03
C SER A 423 3.97 0.28 -14.54
N GLY A 424 4.38 0.80 -15.69
CA GLY A 424 3.79 1.98 -16.27
C GLY A 424 4.56 3.26 -16.01
N VAL A 425 5.47 3.25 -15.05
CA VAL A 425 6.31 4.41 -14.73
C VAL A 425 7.74 4.05 -15.12
N THR A 426 8.20 4.62 -16.23
CA THR A 426 9.52 4.31 -16.76
C THR A 426 10.55 5.32 -16.28
N VAL A 427 11.82 4.97 -16.46
CA VAL A 427 12.91 5.86 -16.05
C VAL A 427 12.81 7.20 -16.75
N SER A 428 12.31 7.22 -17.99
CA SER A 428 12.13 8.48 -18.69
C SER A 428 11.11 9.37 -17.97
N ASP A 429 10.08 8.76 -17.37
CA ASP A 429 9.11 9.53 -16.61
C ASP A 429 9.71 10.10 -15.33
N LEU A 430 10.50 9.30 -14.62
CA LEU A 430 11.11 9.79 -13.37
C LEU A 430 12.03 10.97 -13.63
N GLN A 431 12.88 10.86 -14.66
CA GLN A 431 13.82 11.93 -14.97
C GLN A 431 13.07 13.21 -15.37
N ALA A 432 12.01 13.07 -16.16
CA ALA A 432 11.21 14.24 -16.53
C ALA A 432 10.59 14.88 -15.31
N ALA A 433 10.04 14.07 -14.40
CA ALA A 433 9.50 14.61 -13.15
C ALA A 433 10.60 15.24 -12.32
N GLU A 434 11.76 14.59 -12.23
CA GLU A 434 12.88 15.17 -11.48
C GLU A 434 13.31 16.51 -12.08
N LEU A 435 13.40 16.57 -13.41
CA LEU A 435 13.77 17.83 -14.06
C LEU A 435 12.69 18.88 -13.90
N GLN A 436 11.42 18.49 -14.09
CA GLN A 436 10.33 19.46 -13.99
C GLN A 436 10.21 20.00 -12.57
N VAL A 437 10.40 19.14 -11.56
CA VAL A 437 10.33 19.60 -10.18
C VAL A 437 11.41 20.64 -9.91
N LYS A 438 12.64 20.35 -10.33
CA LYS A 438 13.73 21.30 -10.12
C LYS A 438 13.49 22.59 -10.89
N THR A 439 13.00 22.48 -12.13
CA THR A 439 12.73 23.67 -12.91
C THR A 439 11.68 24.55 -12.24
N ALA A 440 10.60 23.94 -11.73
CA ALA A 440 9.57 24.72 -11.07
C ALA A 440 10.08 25.37 -9.79
N GLU A 441 10.88 24.64 -9.01
CA GLU A 441 11.35 25.17 -7.73
C GLU A 441 12.18 26.42 -7.92
N ASN A 442 13.13 26.39 -8.86
CA ASN A 442 13.94 27.57 -9.12
C ASN A 442 13.08 28.72 -9.66
N SER A 443 12.13 28.41 -10.54
CA SER A 443 11.40 29.47 -11.22
C SER A 443 10.37 30.13 -10.30
N GLY A 444 9.67 29.34 -9.49
CA GLY A 444 8.53 29.89 -8.79
C GLY A 444 8.32 29.48 -7.33
N PHE A 445 9.38 29.03 -6.66
CA PHE A 445 9.24 28.71 -5.24
C PHE A 445 8.96 29.97 -4.42
N SER A 446 9.57 31.10 -4.79
CA SER A 446 9.36 32.34 -4.05
C SER A 446 7.89 32.75 -4.08
N LYS A 447 7.25 32.66 -5.24
CA LYS A 447 5.82 32.91 -5.32
C LYS A 447 5.03 31.89 -4.51
N TRP A 448 5.44 30.61 -4.59
CA TRP A 448 4.68 29.56 -3.93
C TRP A 448 4.67 29.73 -2.42
N ILE A 449 5.82 30.04 -1.83
CA ILE A 449 5.92 30.09 -0.38
C ILE A 449 5.07 31.21 0.22
N LEU A 450 4.69 32.21 -0.58
CA LEU A 450 3.88 33.30 -0.05
C LEU A 450 2.52 32.80 0.43
N GLN A 451 1.91 31.88 -0.32
CA GLN A 451 0.62 31.32 0.07
C GLN A 451 0.76 30.10 0.97
N TRP A 452 1.98 29.62 1.22
CA TRP A 452 2.17 28.46 2.07
C TRP A 452 1.64 28.75 3.47
N GLY A 453 0.83 27.83 4.00
CA GLY A 453 0.20 28.02 5.29
C GLY A 453 1.18 28.14 6.43
N PRO A 454 2.12 27.19 6.53
CA PRO A 454 3.09 27.25 7.64
C PRO A 454 3.89 28.54 7.69
N LEU A 455 4.17 29.16 6.54
CA LEU A 455 4.91 30.41 6.55
C LEU A 455 4.15 31.49 7.28
N HIS A 456 2.84 31.59 7.06
CA HIS A 456 2.04 32.59 7.75
C HIS A 456 2.07 32.36 9.27
N SER A 457 1.98 31.10 9.69
CA SER A 457 2.02 30.80 11.11
C SER A 457 3.36 31.23 11.72
N VAL A 458 4.47 30.96 11.03
CA VAL A 458 5.78 31.33 11.55
C VAL A 458 5.95 32.84 11.54
N LEU A 459 5.49 33.51 10.49
CA LEU A 459 5.59 34.96 10.43
C LEU A 459 4.82 35.61 11.57
N GLU A 460 3.64 35.08 11.88
CA GLU A 460 2.86 35.62 12.99
C GLU A 460 3.59 35.49 14.33
N ARG A 461 4.59 34.62 14.42
CA ARG A 461 5.29 34.37 15.68
C ARG A 461 6.63 35.07 15.78
N LYS A 462 7.35 35.26 14.67
CA LYS A 462 8.67 35.86 14.71
C LYS A 462 8.73 37.28 14.15
N VAL A 463 7.78 37.66 13.30
CA VAL A 463 7.69 39.03 12.82
C VAL A 463 6.25 39.50 12.98
N PRO A 464 5.70 39.49 14.20
CA PRO A 464 4.27 39.86 14.35
C PRO A 464 3.99 41.32 14.04
N GLU A 465 4.86 42.24 14.47
CA GLU A 465 4.58 43.65 14.28
C GLU A 465 4.48 44.00 12.81
N ARG A 466 5.40 43.50 11.99
CA ARG A 466 5.35 43.78 10.56
C ARG A 466 4.25 42.97 9.89
N PHE A 467 4.01 41.73 10.35
CA PHE A 467 2.97 40.91 9.76
C PHE A 467 1.59 41.52 10.00
N ASN A 468 1.32 41.94 11.23
CA ASN A 468 0.03 42.56 11.53
C ASN A 468 -0.11 43.91 10.85
N ALA A 469 1.01 44.60 10.59
CA ALA A 469 0.95 45.85 9.85
C ALA A 469 0.41 45.64 8.45
N LEU A 470 0.88 44.59 7.78
CA LEU A 470 0.35 44.25 6.46
C LEU A 470 -1.14 43.93 6.54
N ARG A 471 -1.53 43.11 7.51
CA ARG A 471 -2.93 42.73 7.64
C ARG A 471 -3.80 43.94 7.92
N GLU A 472 -3.36 44.82 8.82
CA GLU A 472 -4.11 46.05 9.09
C GLU A 472 -4.13 46.95 7.85
N LYS A 473 -3.02 47.01 7.12
CA LYS A 473 -2.97 47.83 5.92
C LYS A 473 -3.98 47.35 4.89
N GLN A 474 -4.12 46.03 4.74
CA GLN A 474 -5.09 45.49 3.78
C GLN A 474 -6.50 45.98 4.10
N ILE A 475 -6.85 46.04 5.38
CA ILE A 475 -8.16 46.58 5.76
C ILE A 475 -8.27 48.04 5.36
N SER A 476 -7.22 48.82 5.64
CA SER A 476 -7.25 50.25 5.30
C SER A 476 -7.22 50.47 3.79
N ASP A 477 -6.38 49.71 3.08
CA ASP A 477 -6.32 49.83 1.63
C ASP A 477 -7.66 49.45 1.00
N TYR A 478 -8.31 48.41 1.52
CA TYR A 478 -9.62 48.03 1.02
C TYR A 478 -10.65 49.14 1.24
N GLU A 479 -10.67 49.70 2.44
CA GLU A 479 -11.65 50.75 2.75
C GLU A 479 -11.43 51.98 1.88
N ASP A 480 -10.17 52.41 1.73
CA ASP A 480 -9.88 53.57 0.90
C ASP A 480 -10.21 53.28 -0.56
N THR A 481 -9.86 52.09 -1.04
CA THR A 481 -10.15 51.74 -2.43
C THR A 481 -11.65 51.67 -2.68
N TYR A 482 -12.40 51.12 -1.73
CA TYR A 482 -13.84 51.04 -1.89
C TYR A 482 -14.47 52.43 -2.04
N ARG A 483 -14.07 53.35 -1.17
CA ARG A 483 -14.56 54.73 -1.29
C ARG A 483 -14.10 55.36 -2.60
N LYS A 484 -12.86 55.08 -3.00
CA LYS A 484 -12.38 55.57 -4.29
C LYS A 484 -13.24 55.05 -5.43
N LEU A 485 -13.44 53.72 -5.48
CA LEU A 485 -14.23 53.13 -6.55
C LEU A 485 -15.71 53.51 -6.43
N TYR A 486 -16.20 53.66 -5.19
CA TYR A 486 -17.60 54.05 -5.01
C TYR A 486 -17.88 55.41 -5.65
N ASP A 487 -16.97 56.37 -5.48
CA ASP A 487 -17.16 57.68 -6.08
C ASP A 487 -17.06 57.63 -7.59
N GLU A 488 -16.16 56.78 -8.12
CA GLU A 488 -15.99 56.71 -9.57
C GLU A 488 -17.30 56.32 -10.26
N VAL A 489 -18.04 55.37 -9.68
CA VAL A 489 -19.34 55.00 -10.24
C VAL A 489 -20.31 56.17 -10.14
N LEU A 490 -20.23 56.95 -9.06
CA LEU A 490 -21.13 58.09 -8.89
C LEU A 490 -20.94 59.11 -10.01
N LYS A 491 -19.69 59.39 -10.38
CA LYS A 491 -19.45 60.33 -11.46
C LYS A 491 -20.07 59.85 -12.77
N SER A 492 -19.97 58.55 -13.04
CA SER A 492 -20.64 57.97 -14.21
C SER A 492 -22.14 57.83 -14.01
N SER A 493 -22.68 58.25 -12.86
CA SER A 493 -24.10 58.11 -12.56
C SER A 493 -24.53 56.65 -12.60
N GLY A 494 -23.64 55.77 -12.16
CA GLY A 494 -23.92 54.36 -12.12
C GLY A 494 -24.75 53.98 -10.91
N LEU A 495 -24.93 52.67 -10.74
CA LEU A 495 -25.74 52.13 -9.65
C LEU A 495 -24.86 51.90 -8.44
N VAL A 496 -25.15 52.61 -7.35
CA VAL A 496 -24.42 52.45 -6.09
C VAL A 496 -25.43 52.32 -4.95
N ASP A 497 -26.70 52.62 -5.24
CA ASP A 497 -27.73 52.54 -4.21
C ASP A 497 -28.00 51.10 -3.80
N ASP A 498 -28.02 50.18 -4.77
CA ASP A 498 -28.36 48.80 -4.47
C ASP A 498 -27.22 48.10 -3.74
N THR A 499 -27.60 47.13 -2.89
CA THR A 499 -26.61 46.44 -2.08
C THR A 499 -25.66 45.62 -2.94
N ASP A 500 -26.17 45.01 -4.01
CA ASP A 500 -25.31 44.18 -4.85
C ASP A 500 -24.18 45.00 -5.48
N ALA A 501 -24.50 46.20 -5.93
CA ALA A 501 -23.46 47.07 -6.49
C ALA A 501 -22.39 47.39 -5.45
N GLU A 502 -22.81 47.64 -4.20
CA GLU A 502 -21.85 47.83 -3.13
C GLU A 502 -20.98 46.59 -2.94
N ARG A 503 -21.59 45.41 -3.05
CA ARG A 503 -20.83 44.16 -2.93
C ARG A 503 -19.84 44.01 -4.08
N THR A 504 -20.28 44.29 -5.31
CA THR A 504 -19.39 44.15 -6.45
C THR A 504 -18.22 45.13 -6.37
N ILE A 505 -18.49 46.37 -5.96
CA ILE A 505 -17.42 47.31 -5.73
C ILE A 505 -16.48 46.81 -4.64
N GLY A 506 -17.06 46.18 -3.60
CA GLY A 506 -16.23 45.66 -2.53
C GLY A 506 -15.26 44.60 -2.99
N VAL A 507 -15.71 43.70 -3.87
CA VAL A 507 -14.81 42.67 -4.39
C VAL A 507 -13.68 43.31 -5.19
N SER A 508 -14.00 44.35 -5.97
CA SER A 508 -12.96 45.08 -6.69
C SER A 508 -11.99 45.74 -5.72
N ALA A 509 -12.53 46.40 -4.68
CA ALA A 509 -11.68 46.98 -3.65
C ALA A 509 -10.92 45.91 -2.89
N MET A 510 -11.58 44.81 -2.55
CA MET A 510 -10.92 43.73 -1.82
C MET A 510 -9.81 43.11 -2.66
N ASP A 511 -10.03 42.97 -3.97
CA ASP A 511 -8.98 42.44 -4.84
C ASP A 511 -7.76 43.36 -4.86
N SER A 512 -7.98 44.68 -4.91
CA SER A 512 -6.86 45.62 -4.91
C SER A 512 -6.04 45.49 -3.64
N ALA A 513 -6.71 45.39 -2.49
CA ALA A 513 -5.98 45.24 -1.22
C ALA A 513 -5.19 43.94 -1.21
N LYS A 514 -5.78 42.86 -1.74
CA LYS A 514 -5.08 41.58 -1.79
C LYS A 514 -3.81 41.69 -2.63
N LYS A 515 -3.89 42.40 -3.76
CA LYS A 515 -2.70 42.64 -4.57
C LYS A 515 -1.67 43.45 -3.79
N GLU A 516 -2.11 44.50 -3.09
CA GLU A 516 -1.20 45.27 -2.26
C GLU A 516 -0.63 44.42 -1.13
N PHE A 517 -1.47 43.61 -0.50
CA PHE A 517 -0.99 42.75 0.59
C PHE A 517 0.03 41.74 0.08
N LEU A 518 -0.22 41.16 -1.09
CA LEU A 518 0.70 40.15 -1.61
C LEU A 518 2.08 40.74 -1.88
N ASP A 519 2.13 41.95 -2.45
CA ASP A 519 3.42 42.60 -2.68
C ASP A 519 4.13 42.88 -1.37
N GLY A 520 3.39 43.38 -0.37
CA GLY A 520 4.01 43.64 0.92
C GLY A 520 4.58 42.38 1.56
N LEU A 521 3.84 41.28 1.49
CA LEU A 521 4.33 40.02 2.05
C LEU A 521 5.57 39.55 1.29
N ARG A 522 5.62 39.79 -0.01
CA ARG A 522 6.79 39.39 -0.79
C ARG A 522 8.05 40.09 -0.29
N ALA A 523 7.96 41.40 -0.02
CA ALA A 523 9.11 42.12 0.51
C ALA A 523 9.49 41.62 1.89
N LEU A 524 8.49 41.37 2.75
CA LEU A 524 8.79 40.89 4.10
C LEU A 524 9.47 39.52 4.05
N VAL A 525 9.01 38.63 3.17
CA VAL A 525 9.62 37.30 3.07
C VAL A 525 11.07 37.42 2.63
N ASP A 526 11.34 38.28 1.64
CA ASP A 526 12.72 38.47 1.20
C ASP A 526 13.60 39.02 2.31
N GLU A 527 13.07 39.97 3.09
CA GLU A 527 13.84 40.53 4.19
C GLU A 527 14.17 39.46 5.23
N VAL A 528 13.19 38.62 5.57
CA VAL A 528 13.39 37.63 6.63
C VAL A 528 14.12 36.39 6.09
N LEU A 529 13.58 35.78 5.03
CA LEU A 529 14.13 34.55 4.47
C LEU A 529 14.58 34.72 3.03
N GLY A 530 14.89 35.95 2.61
CA GLY A 530 15.32 36.16 1.24
C GLY A 530 16.59 35.38 0.90
N SER A 531 17.53 35.32 1.84
CA SER A 531 18.77 34.60 1.59
C SER A 531 18.52 33.11 1.37
N TYR A 532 17.48 32.55 1.99
CA TYR A 532 17.16 31.14 1.84
C TYR A 532 16.34 30.84 0.60
N LEU A 533 15.93 31.86 -0.16
CA LEU A 533 15.09 31.68 -1.32
C LEU A 533 15.88 31.64 -2.63
N THR A 534 17.20 31.50 -2.56
CA THR A 534 18.00 31.40 -3.77
C THR A 534 17.76 30.06 -4.46
N ALA A 535 18.02 30.04 -5.76
CA ALA A 535 17.82 28.83 -6.55
C ALA A 535 18.63 27.68 -5.97
N ARG A 536 17.98 26.51 -5.87
CA ARG A 536 18.59 25.33 -5.26
C ARG A 536 19.37 24.48 -6.24
N TRP A 537 18.85 24.30 -7.45
CA TRP A 537 19.38 23.31 -8.39
C TRP A 537 20.13 23.99 -9.52
N ARG A 538 21.31 23.48 -9.83
CA ARG A 538 22.07 23.93 -10.99
C ARG A 538 21.58 23.19 -12.22
N LEU A 539 20.85 23.88 -13.08
CA LEU A 539 20.21 23.27 -14.24
C LEU A 539 20.86 23.79 -15.53
N ASN A 540 20.36 23.32 -16.66
CA ASN A 540 20.87 23.70 -17.97
C ASN A 540 19.99 24.78 -18.61
O1 TLA B . 7.94 42.29 13.85
O11 TLA B . 9.91 41.52 13.15
C1 TLA B . 9.15 41.99 14.01
C2 TLA B . 9.70 42.23 15.43
O2 TLA B . 11.10 42.20 15.38
C3 TLA B . 9.15 41.22 16.43
O3 TLA B . 10.15 40.83 17.34
C4 TLA B . 7.96 41.84 17.20
O4 TLA B . 8.19 42.14 18.40
O41 TLA B . 6.90 41.98 16.59
H2 TLA B . 9.38 43.10 15.70
HA TLA B . 11.26 42.25 14.54
H3 TLA B . 8.83 40.45 15.94
HB TLA B . 10.63 41.53 17.40
#